data_8R0Y
#
_entry.id   8R0Y
#
_cell.length_a   98.548
_cell.length_b   98.548
_cell.length_c   80.951
_cell.angle_alpha   90.000
_cell.angle_beta   90.000
_cell.angle_gamma   120.000
#
_symmetry.space_group_name_H-M   'P 65'
#
loop_
_entity.id
_entity.type
_entity.pdbx_description
1 polymer 'Serine/threonine-protein kinase pim-1'
2 polymer Pimtide
3 non-polymer GLYCEROL
4 non-polymer '3-[(3-hydroxyphenyl)amino]quinoxaline-2-carboxylic acid'
5 water water
#
loop_
_entity_poly.entity_id
_entity_poly.type
_entity_poly.pdbx_seq_one_letter_code
_entity_poly.pdbx_strand_id
1 'polypeptide(L)'
;SMLLSKINSLAHLRAAPCNDLHATKLAPGKEKEPLESQYQVGPLLGSGGFGSVYSGIRVSDNLPVAIKHVEKDRISDWGE
LPNGTRVPMEVVLLKKVSSGFSGVIRLLDWFERPDSFVLILERPEPVQDLFDFITERGALQEELARSFFWQVLEAVRHCH
NCGVLHRDIKDENILIDLNRGELKLIDFGSGALLKDTVYTDFDGTRVYSPPEWIRYHRYHGRSAAVWSLGILLYDMVCGD
IPFEHDEEIIGGQVFFRQRVS(SEP)ECQHLIRWCLALRPSDRPTFEEIQNHPWMQDVLLPQETAEIHLHSLSPGPS
;
A
2 'polypeptide(L)' ARKRRRHPSGPPTA B
#
# COMPACT_ATOMS: atom_id res chain seq x y z
N PRO A 34 -17.00 3.37 -25.33
CA PRO A 34 -18.26 2.92 -24.75
C PRO A 34 -18.08 2.34 -23.34
N LEU A 35 -18.01 3.21 -22.33
CA LEU A 35 -17.73 2.76 -20.97
C LEU A 35 -18.98 2.34 -20.21
N GLU A 36 -20.10 3.05 -20.40
CA GLU A 36 -21.33 2.67 -19.72
C GLU A 36 -21.94 1.39 -20.28
N SER A 37 -21.50 0.95 -21.46
CA SER A 37 -22.04 -0.25 -22.11
C SER A 37 -21.10 -1.44 -22.03
N GLN A 38 -19.95 -1.31 -21.36
CA GLN A 38 -19.01 -2.40 -21.22
C GLN A 38 -18.87 -2.90 -19.78
N TYR A 39 -19.28 -2.10 -18.80
CA TYR A 39 -19.25 -2.50 -17.40
C TYR A 39 -20.61 -2.23 -16.78
N GLN A 40 -21.01 -3.09 -15.85
CA GLN A 40 -22.21 -2.87 -15.06
C GLN A 40 -21.77 -2.34 -13.69
N VAL A 41 -22.29 -1.18 -13.31
CA VAL A 41 -21.82 -0.47 -12.13
C VAL A 41 -22.67 -0.89 -10.94
N GLY A 42 -22.02 -1.21 -9.82
CA GLY A 42 -22.71 -1.58 -8.60
C GLY A 42 -22.55 -0.53 -7.52
N PRO A 43 -22.49 -0.98 -6.27
CA PRO A 43 -22.46 -0.04 -5.14
C PRO A 43 -21.13 0.67 -4.98
N LEU A 44 -21.22 1.84 -4.34
CA LEU A 44 -20.04 2.57 -3.93
C LEU A 44 -19.19 1.74 -2.98
N LEU A 45 -17.90 1.66 -3.26
CA LEU A 45 -16.96 1.11 -2.29
C LEU A 45 -16.42 2.17 -1.33
N GLY A 46 -16.26 3.40 -1.80
CA GLY A 46 -15.75 4.47 -0.96
C GLY A 46 -15.29 5.63 -1.81
N SER A 47 -14.79 6.66 -1.14
CA SER A 47 -14.38 7.86 -1.84
C SER A 47 -13.35 8.62 -1.00
N GLY A 48 -12.72 9.60 -1.64
CA GLY A 48 -11.75 10.46 -1.00
C GLY A 48 -11.47 11.72 -1.82
N GLY A 51 -11.74 11.54 -5.45
CA GLY A 51 -12.48 10.58 -6.26
C GLY A 51 -13.31 9.54 -5.52
N SER A 52 -13.91 8.64 -6.29
CA SER A 52 -14.89 7.69 -5.78
C SER A 52 -14.71 6.36 -6.49
N VAL A 53 -14.97 5.27 -5.77
CA VAL A 53 -14.69 3.92 -6.27
C VAL A 53 -15.96 3.08 -6.15
N TYR A 54 -16.35 2.45 -7.26
CA TYR A 54 -17.55 1.63 -7.32
C TYR A 54 -17.19 0.18 -7.60
N SER A 55 -17.97 -0.72 -7.03
CA SER A 55 -17.92 -2.12 -7.43
C SER A 55 -18.57 -2.27 -8.80
N GLY A 56 -18.12 -3.28 -9.55
CA GLY A 56 -18.60 -3.42 -10.90
C GLY A 56 -18.33 -4.81 -11.42
N ILE A 57 -18.91 -5.07 -12.59
CA ILE A 57 -18.76 -6.34 -13.28
C ILE A 57 -18.58 -6.06 -14.76
N ARG A 58 -17.51 -6.61 -15.34
CA ARG A 58 -17.30 -6.47 -16.78
C ARG A 58 -18.34 -7.30 -17.51
N VAL A 59 -19.13 -6.63 -18.36
CA VAL A 59 -20.25 -7.33 -19.00
C VAL A 59 -19.76 -8.42 -19.94
N SER A 60 -18.53 -8.30 -20.43
CA SER A 60 -18.02 -9.27 -21.40
C SER A 60 -17.94 -10.68 -20.79
N ASP A 61 -17.46 -10.80 -19.55
CA ASP A 61 -17.24 -12.12 -18.99
C ASP A 61 -17.50 -12.21 -17.48
N ASN A 62 -18.28 -11.31 -16.90
CA ASN A 62 -18.62 -11.32 -15.47
C ASN A 62 -17.37 -11.26 -14.57
N LEU A 63 -16.32 -10.61 -15.05
CA LEU A 63 -15.16 -10.39 -14.21
C LEU A 63 -15.47 -9.31 -13.18
N PRO A 64 -15.33 -9.56 -11.89
CA PRO A 64 -15.48 -8.48 -10.91
C PRO A 64 -14.38 -7.43 -11.07
N VAL A 65 -14.79 -6.16 -11.09
CA VAL A 65 -13.87 -5.05 -11.26
C VAL A 65 -14.21 -3.99 -10.21
N ALA A 66 -13.27 -3.06 -10.03
CA ALA A 66 -13.52 -1.82 -9.32
C ALA A 66 -13.40 -0.66 -10.30
N ILE A 67 -14.30 0.30 -10.19
CA ILE A 67 -14.37 1.44 -11.12
C ILE A 67 -14.04 2.70 -10.32
N LYS A 68 -12.87 3.27 -10.59
CA LYS A 68 -12.33 4.38 -9.83
C LYS A 68 -12.41 5.66 -10.65
N HIS A 69 -13.06 6.68 -10.11
CA HIS A 69 -13.25 7.96 -10.79
C HIS A 69 -12.31 8.98 -10.17
N VAL A 70 -11.51 9.64 -11.00
CA VAL A 70 -10.57 10.66 -10.58
C VAL A 70 -10.97 11.97 -11.22
N GLU A 71 -11.20 12.99 -10.40
CA GLU A 71 -11.57 14.31 -10.92
C GLU A 71 -10.33 15.02 -11.45
N LYS A 72 -10.44 15.53 -12.69
CA LYS A 72 -9.29 16.19 -13.32
C LYS A 72 -8.79 17.36 -12.51
N ASP A 73 -9.71 18.18 -11.99
CA ASP A 73 -9.32 19.37 -11.23
C ASP A 73 -8.55 19.04 -9.96
N ARG A 74 -8.48 17.76 -9.56
CA ARG A 74 -7.78 17.35 -8.36
C ARG A 74 -6.45 16.65 -8.63
N ILE A 75 -6.08 16.45 -9.91
CA ILE A 75 -4.86 15.72 -10.22
C ILE A 75 -3.65 16.57 -9.85
N SER A 76 -2.82 16.05 -8.93
CA SER A 76 -1.59 16.73 -8.53
C SER A 76 -0.53 16.64 -9.62
N ASP A 77 0.05 15.45 -9.81
CA ASP A 77 1.10 15.23 -10.79
C ASP A 77 0.53 14.60 -12.05
N TRP A 78 0.96 15.09 -13.21
CA TRP A 78 0.54 14.57 -14.50
C TRP A 78 1.71 13.90 -15.21
N GLY A 79 1.39 12.90 -16.03
CA GLY A 79 2.39 12.22 -16.83
C GLY A 79 1.97 12.07 -18.27
N GLU A 80 2.74 11.34 -19.06
CA GLU A 80 2.42 11.13 -20.46
C GLU A 80 2.65 9.67 -20.81
N LEU A 81 1.75 9.10 -21.59
CA LEU A 81 1.88 7.74 -22.07
C LEU A 81 2.91 7.70 -23.18
N PRO A 82 3.29 6.50 -23.65
CA PRO A 82 4.08 6.43 -24.89
C PRO A 82 3.42 7.16 -26.06
N ASN A 83 2.09 7.10 -26.17
CA ASN A 83 1.38 7.78 -27.24
C ASN A 83 1.45 9.30 -27.12
N GLY A 84 2.05 9.83 -26.05
CA GLY A 84 2.05 11.25 -25.79
C GLY A 84 0.79 11.78 -25.13
N THR A 85 -0.27 10.97 -25.04
CA THR A 85 -1.49 11.41 -24.39
C THR A 85 -1.23 11.67 -22.91
N ARG A 86 -1.59 12.87 -22.45
CA ARG A 86 -1.35 13.27 -21.07
C ARG A 86 -2.37 12.61 -20.15
N VAL A 87 -1.90 11.94 -19.11
CA VAL A 87 -2.76 11.19 -18.19
C VAL A 87 -2.32 11.50 -16.77
N PRO A 88 -3.13 11.18 -15.74
CA PRO A 88 -2.62 11.26 -14.37
C PRO A 88 -1.41 10.34 -14.20
N MET A 89 -0.47 10.79 -13.38
CA MET A 89 0.69 9.94 -13.07
C MET A 89 0.25 8.59 -12.50
N GLU A 90 -0.88 8.57 -11.79
CA GLU A 90 -1.39 7.30 -11.28
C GLU A 90 -1.58 6.28 -12.39
N VAL A 91 -2.06 6.72 -13.55
CA VAL A 91 -2.22 5.80 -14.67
C VAL A 91 -0.86 5.34 -15.19
N VAL A 92 0.10 6.27 -15.29
CA VAL A 92 1.45 5.89 -15.71
C VAL A 92 2.03 4.84 -14.78
N LEU A 93 1.95 5.08 -13.47
CA LEU A 93 2.53 4.13 -12.51
C LEU A 93 1.83 2.79 -12.56
N LEU A 94 0.49 2.80 -12.62
CA LEU A 94 -0.26 1.56 -12.67
C LEU A 94 0.09 0.74 -13.89
N LYS A 95 0.28 1.38 -15.05
CA LYS A 95 0.68 0.64 -16.24
C LYS A 95 2.04 0.00 -16.05
N LYS A 96 2.97 0.70 -15.37
CA LYS A 96 4.32 0.17 -15.22
C LYS A 96 4.34 -1.06 -14.33
N VAL A 97 3.42 -1.18 -13.36
CA VAL A 97 3.45 -2.32 -12.45
C VAL A 97 2.43 -3.39 -12.81
N SER A 98 1.54 -3.14 -13.77
CA SER A 98 0.43 -4.06 -14.03
C SER A 98 0.80 -5.17 -15.00
N SER A 99 2.08 -5.34 -15.33
CA SER A 99 2.48 -6.39 -16.26
C SER A 99 2.68 -7.69 -15.49
N GLY A 100 1.95 -8.73 -15.90
CA GLY A 100 2.02 -10.01 -15.23
C GLY A 100 1.19 -10.08 -13.96
N PHE A 101 1.51 -11.09 -13.14
CA PHE A 101 0.90 -11.30 -11.84
C PHE A 101 1.77 -10.67 -10.77
N SER A 102 1.14 -10.24 -9.68
CA SER A 102 1.88 -9.78 -8.51
C SER A 102 0.88 -9.50 -7.39
N GLY A 103 1.41 -9.03 -6.27
CA GLY A 103 0.58 -8.56 -5.19
C GLY A 103 0.27 -7.10 -5.38
N VAL A 104 0.04 -6.67 -6.62
CA VAL A 104 -0.38 -5.30 -6.90
C VAL A 104 -1.69 -5.37 -7.65
N ILE A 105 -2.62 -4.46 -7.32
CA ILE A 105 -3.90 -4.40 -8.03
C ILE A 105 -3.63 -3.95 -9.47
N ARG A 106 -4.18 -4.68 -10.43
CA ARG A 106 -3.86 -4.42 -11.83
C ARG A 106 -4.89 -3.49 -12.47
N LEU A 107 -4.38 -2.54 -13.25
CA LEU A 107 -5.24 -1.71 -14.10
C LEU A 107 -5.61 -2.51 -15.33
N LEU A 108 -6.90 -2.68 -15.58
CA LEU A 108 -7.38 -3.41 -16.75
C LEU A 108 -7.68 -2.51 -17.93
N ASP A 109 -8.07 -1.26 -17.68
CA ASP A 109 -8.49 -0.36 -18.73
C ASP A 109 -8.63 1.00 -18.07
N TRP A 110 -8.71 2.04 -18.90
CA TRP A 110 -9.00 3.37 -18.41
C TRP A 110 -9.66 4.16 -19.52
N PHE A 111 -10.42 5.17 -19.12
CA PHE A 111 -11.13 6.05 -20.05
C PHE A 111 -10.93 7.49 -19.60
N GLU A 112 -11.00 8.40 -20.56
CA GLU A 112 -11.02 9.84 -20.26
C GLU A 112 -12.39 10.41 -20.56
N ARG A 113 -12.89 11.23 -19.63
CA ARG A 113 -14.14 11.97 -19.72
C ARG A 113 -13.83 13.47 -19.72
N PRO A 114 -14.81 14.34 -19.99
CA PRO A 114 -14.51 15.79 -19.97
C PRO A 114 -13.86 16.28 -18.68
N ASP A 115 -14.33 15.82 -17.53
CA ASP A 115 -13.83 16.34 -16.25
C ASP A 115 -13.18 15.28 -15.39
N SER A 116 -13.02 14.06 -15.89
CA SER A 116 -12.50 12.99 -15.04
C SER A 116 -11.81 11.93 -15.89
N PHE A 117 -10.99 11.12 -15.23
CA PHE A 117 -10.52 9.85 -15.75
C PHE A 117 -11.20 8.73 -14.97
N VAL A 118 -11.52 7.65 -15.67
CA VAL A 118 -12.10 6.45 -15.06
C VAL A 118 -11.09 5.32 -15.20
N LEU A 119 -10.79 4.67 -14.08
CA LEU A 119 -9.83 3.58 -14.01
C LEU A 119 -10.57 2.28 -13.71
N ILE A 120 -10.30 1.23 -14.49
CA ILE A 120 -10.92 -0.08 -14.28
C ILE A 120 -9.86 -0.98 -13.66
N LEU A 121 -10.10 -1.42 -12.42
CA LEU A 121 -9.15 -2.21 -11.65
C LEU A 121 -9.72 -3.60 -11.38
N GLU A 122 -8.82 -4.57 -11.19
CA GLU A 122 -9.21 -5.88 -10.64
C GLU A 122 -9.99 -5.71 -9.35
N ARG A 123 -10.86 -6.68 -9.07
CA ARG A 123 -11.47 -6.70 -7.74
C ARG A 123 -11.50 -8.11 -7.18
N PRO A 124 -10.73 -8.40 -6.14
CA PRO A 124 -10.86 -9.68 -5.46
C PRO A 124 -12.22 -9.77 -4.79
N GLU A 125 -12.73 -10.98 -4.72
CA GLU A 125 -14.00 -11.22 -4.03
C GLU A 125 -13.98 -12.62 -3.43
N PRO A 126 -14.16 -12.77 -2.11
CA PRO A 126 -14.39 -11.73 -1.10
C PRO A 126 -13.10 -11.02 -0.72
N VAL A 127 -13.19 -9.76 -0.29
CA VAL A 127 -12.03 -8.93 0.00
C VAL A 127 -12.30 -8.15 1.28
N GLN A 128 -11.23 -7.83 2.01
CA GLN A 128 -11.29 -6.89 3.13
C GLN A 128 -9.96 -6.16 3.18
N ASP A 129 -9.99 -4.86 3.42
CA ASP A 129 -8.70 -4.19 3.48
C ASP A 129 -8.06 -4.45 4.84
N LEU A 130 -6.74 -4.32 4.89
CA LEU A 130 -6.01 -4.71 6.08
C LEU A 130 -6.34 -3.80 7.26
N PHE A 131 -6.72 -2.54 7.01
CA PHE A 131 -7.14 -1.67 8.13
C PHE A 131 -8.33 -2.27 8.87
N ASP A 132 -9.42 -2.55 8.15
CA ASP A 132 -10.61 -3.13 8.76
C ASP A 132 -10.30 -4.49 9.38
N PHE A 133 -9.45 -5.28 8.72
CA PHE A 133 -9.08 -6.59 9.25
C PHE A 133 -8.43 -6.47 10.62
N ILE A 134 -7.48 -5.53 10.77
CA ILE A 134 -6.81 -5.37 12.05
C ILE A 134 -7.76 -4.78 13.08
N THR A 135 -8.63 -3.85 12.66
CA THR A 135 -9.64 -3.33 13.58
C THR A 135 -10.51 -4.45 14.14
N GLU A 136 -10.96 -5.37 13.29
CA GLU A 136 -11.87 -6.41 13.76
C GLU A 136 -11.16 -7.47 14.58
N ARG A 137 -9.90 -7.79 14.24
CA ARG A 137 -9.27 -8.93 14.87
C ARG A 137 -8.26 -8.56 15.94
N GLY A 138 -7.89 -7.29 16.07
CA GLY A 138 -6.89 -6.90 17.05
C GLY A 138 -5.49 -7.19 16.53
N ALA A 139 -4.51 -7.12 17.45
CA ALA A 139 -3.14 -7.47 17.11
C ALA A 139 -3.08 -8.88 16.50
N LEU A 140 -2.34 -9.01 15.39
CA LEU A 140 -2.26 -10.28 14.67
C LEU A 140 -1.21 -11.19 15.28
N GLN A 141 -1.49 -12.50 15.31
CA GLN A 141 -0.46 -13.47 15.66
C GLN A 141 0.76 -13.29 14.75
N GLU A 142 1.96 -13.49 15.31
CA GLU A 142 3.16 -13.19 14.54
C GLU A 142 3.28 -14.05 13.28
N GLU A 143 2.83 -15.31 13.33
CA GLU A 143 2.82 -16.14 12.13
C GLU A 143 2.03 -15.50 11.00
N LEU A 144 0.90 -14.88 11.33
CA LEU A 144 0.08 -14.24 10.31
C LEU A 144 0.67 -12.90 9.88
N ALA A 145 1.20 -12.12 10.83
CA ALA A 145 1.85 -10.88 10.46
C ALA A 145 3.07 -11.15 9.58
N ARG A 146 3.78 -12.26 9.85
CA ARG A 146 4.94 -12.61 9.04
C ARG A 146 4.53 -12.88 7.59
N SER A 147 3.45 -13.65 7.41
CA SER A 147 2.97 -13.95 6.06
C SER A 147 2.55 -12.68 5.33
N PHE A 148 1.73 -11.85 5.98
CA PHE A 148 1.30 -10.58 5.38
C PHE A 148 2.48 -9.68 5.05
N PHE A 149 3.38 -9.46 6.02
CA PHE A 149 4.50 -8.56 5.82
C PHE A 149 5.40 -9.05 4.69
N TRP A 150 5.68 -10.37 4.65
CA TRP A 150 6.45 -10.93 3.54
C TRP A 150 5.84 -10.59 2.19
N GLN A 151 4.52 -10.76 2.06
CA GLN A 151 3.86 -10.50 0.78
C GLN A 151 3.89 -9.02 0.43
N VAL A 152 3.80 -8.14 1.43
CA VAL A 152 3.90 -6.71 1.13
C VAL A 152 5.30 -6.37 0.63
N LEU A 153 6.32 -6.97 1.23
CA LEU A 153 7.69 -6.72 0.78
C LEU A 153 7.90 -7.18 -0.66
N GLU A 154 7.37 -8.36 -1.01
CA GLU A 154 7.50 -8.82 -2.40
C GLU A 154 6.78 -7.87 -3.35
N ALA A 155 5.62 -7.34 -2.93
CA ALA A 155 4.89 -6.41 -3.79
C ALA A 155 5.63 -5.08 -3.96
N VAL A 156 6.21 -4.56 -2.88
CA VAL A 156 6.97 -3.32 -2.96
C VAL A 156 8.25 -3.54 -3.78
N ARG A 157 8.88 -4.72 -3.63
CA ARG A 157 10.04 -5.02 -4.46
C ARG A 157 9.66 -4.98 -5.93
N HIS A 158 8.48 -5.51 -6.27
CA HIS A 158 8.02 -5.51 -7.65
C HIS A 158 7.81 -4.10 -8.16
N CYS A 159 7.18 -3.24 -7.35
CA CYS A 159 7.04 -1.83 -7.75
C CYS A 159 8.40 -1.21 -8.03
N HIS A 160 9.35 -1.37 -7.11
CA HIS A 160 10.64 -0.72 -7.30
C HIS A 160 11.35 -1.28 -8.53
N ASN A 161 11.24 -2.58 -8.78
CA ASN A 161 11.82 -3.15 -9.99
C ASN A 161 11.19 -2.57 -11.25
N CYS A 162 9.91 -2.19 -11.19
CA CYS A 162 9.25 -1.57 -12.33
C CYS A 162 9.49 -0.07 -12.42
N GLY A 163 10.31 0.51 -11.54
CA GLY A 163 10.58 1.93 -11.59
C GLY A 163 9.59 2.80 -10.84
N VAL A 164 8.82 2.23 -9.91
CA VAL A 164 7.69 2.92 -9.28
C VAL A 164 7.86 2.94 -7.76
N LEU A 165 7.64 4.10 -7.17
CA LEU A 165 7.64 4.29 -5.72
C LEU A 165 6.21 4.59 -5.28
N HIS A 166 5.67 3.76 -4.39
CA HIS A 166 4.24 3.89 -4.03
C HIS A 166 4.01 5.14 -3.18
N ARG A 167 4.85 5.37 -2.16
CA ARG A 167 4.79 6.52 -1.27
C ARG A 167 3.56 6.57 -0.36
N ASP A 168 2.71 5.55 -0.32
CA ASP A 168 1.60 5.58 0.65
C ASP A 168 1.30 4.17 1.15
N ILE A 169 2.36 3.43 1.51
CA ILE A 169 2.18 2.11 2.09
C ILE A 169 1.54 2.25 3.46
N LYS A 170 0.39 1.60 3.67
CA LYS A 170 -0.30 1.60 4.96
C LYS A 170 -1.38 0.53 4.91
N ASP A 171 -1.89 0.15 6.10
CA ASP A 171 -2.86 -0.94 6.11
C ASP A 171 -4.09 -0.60 5.28
N GLU A 172 -4.50 0.67 5.25
CA GLU A 172 -5.65 1.07 4.44
C GLU A 172 -5.47 0.77 2.96
N ASN A 173 -4.24 0.78 2.48
CA ASN A 173 -3.96 0.61 1.05
C ASN A 173 -3.53 -0.81 0.71
N ILE A 174 -3.93 -1.79 1.52
CA ILE A 174 -3.62 -3.20 1.29
C ILE A 174 -4.93 -3.99 1.37
N LEU A 175 -5.22 -4.75 0.32
CA LEU A 175 -6.40 -5.60 0.27
C LEU A 175 -5.99 -7.05 0.51
N ILE A 176 -6.85 -7.77 1.22
CA ILE A 176 -6.67 -9.20 1.49
C ILE A 176 -7.68 -9.95 0.65
N ASP A 177 -7.20 -10.81 -0.23
CA ASP A 177 -8.06 -11.78 -0.91
C ASP A 177 -8.26 -12.92 0.09
N LEU A 178 -9.43 -12.91 0.73
CA LEU A 178 -9.67 -13.79 1.87
C LEU A 178 -9.66 -15.26 1.48
N ASN A 179 -10.05 -15.59 0.25
CA ASN A 179 -10.08 -17.00 -0.14
C ASN A 179 -8.71 -17.49 -0.59
N ARG A 180 -7.91 -16.65 -1.23
CA ARG A 180 -6.58 -17.07 -1.67
C ARG A 180 -5.48 -16.75 -0.67
N GLY A 181 -5.76 -15.93 0.35
CA GLY A 181 -4.72 -15.55 1.28
C GLY A 181 -3.64 -14.67 0.68
N GLU A 182 -3.97 -13.92 -0.36
CA GLU A 182 -3.02 -13.05 -1.06
C GLU A 182 -3.34 -11.60 -0.77
N LEU A 183 -2.29 -10.81 -0.57
CA LEU A 183 -2.42 -9.38 -0.35
C LEU A 183 -2.13 -8.62 -1.64
N LYS A 184 -2.81 -7.48 -1.81
CA LYS A 184 -2.68 -6.65 -3.02
C LYS A 184 -2.58 -5.17 -2.63
N LEU A 185 -1.56 -4.50 -3.17
CA LEU A 185 -1.36 -3.06 -2.97
C LEU A 185 -2.31 -2.26 -3.84
N ILE A 186 -2.93 -1.23 -3.27
CA ILE A 186 -3.80 -0.35 -4.05
C ILE A 186 -3.38 1.10 -3.86
N ASP A 187 -3.96 1.96 -4.70
CA ASP A 187 -3.89 3.42 -4.61
C ASP A 187 -2.49 3.99 -4.82
N PHE A 188 -2.10 4.13 -6.08
CA PHE A 188 -0.84 4.75 -6.45
C PHE A 188 -1.00 6.25 -6.69
N GLY A 189 -2.07 6.85 -6.19
CA GLY A 189 -2.34 8.25 -6.44
C GLY A 189 -1.37 9.22 -5.78
N SER A 190 -0.55 8.75 -4.84
CA SER A 190 0.51 9.56 -4.26
C SER A 190 1.90 9.14 -4.73
N GLY A 191 2.00 8.18 -5.64
CA GLY A 191 3.27 7.61 -6.01
C GLY A 191 4.09 8.52 -6.93
N ALA A 192 5.27 8.01 -7.30
CA ALA A 192 6.16 8.74 -8.20
C ALA A 192 7.03 7.73 -8.93
N LEU A 193 7.65 8.16 -10.02
CA LEU A 193 8.72 7.36 -10.60
C LEU A 193 9.84 7.24 -9.57
N LEU A 194 10.44 6.05 -9.49
CA LEU A 194 11.53 5.85 -8.55
C LEU A 194 12.81 6.53 -9.06
N LYS A 195 13.50 7.25 -8.18
CA LYS A 195 14.79 7.86 -8.52
C LYS A 195 15.73 7.71 -7.33
N ASP A 196 17.02 7.99 -7.57
CA ASP A 196 18.03 7.88 -6.53
C ASP A 196 18.34 9.21 -5.85
N THR A 197 17.79 10.31 -6.34
CA THR A 197 18.01 11.62 -5.75
C THR A 197 16.89 11.93 -4.75
N VAL A 198 16.98 13.10 -4.12
CA VAL A 198 16.10 13.43 -2.99
C VAL A 198 14.73 13.85 -3.50
N TYR A 199 13.69 13.40 -2.80
CA TYR A 199 12.33 13.90 -3.01
C TYR A 199 12.06 15.06 -2.06
N THR A 200 11.42 16.11 -2.56
CA THR A 200 11.05 17.27 -1.74
C THR A 200 9.54 17.51 -1.72
N ASP A 201 8.76 16.64 -2.34
CA ASP A 201 7.31 16.67 -2.30
C ASP A 201 6.79 15.40 -1.65
N PHE A 202 5.60 15.48 -1.06
CA PHE A 202 4.99 14.32 -0.42
C PHE A 202 3.51 14.55 -0.21
N ASP A 203 2.69 13.58 -0.61
CA ASP A 203 1.24 13.65 -0.42
C ASP A 203 0.68 12.34 0.14
N GLY A 204 1.53 11.49 0.72
CA GLY A 204 1.06 10.28 1.37
C GLY A 204 0.51 10.58 2.76
N THR A 205 0.56 9.57 3.63
CA THR A 205 -0.04 9.67 4.96
C THR A 205 1.02 10.07 5.97
N ARG A 206 0.77 11.20 6.65
CA ARG A 206 1.79 11.80 7.51
C ARG A 206 2.25 10.87 8.62
N VAL A 207 1.34 10.11 9.24
CA VAL A 207 1.74 9.26 10.37
C VAL A 207 2.55 8.05 9.93
N TYR A 208 2.62 7.78 8.62
CA TYR A 208 3.53 6.79 8.08
C TYR A 208 4.77 7.42 7.45
N SER A 209 4.92 8.80 7.53
CA SER A 209 6.06 9.44 6.88
C SER A 209 7.26 9.48 7.84
N PRO A 210 8.48 9.53 7.32
CA PRO A 210 9.66 9.34 8.16
C PRO A 210 10.08 10.65 8.81
N PRO A 211 10.95 10.57 9.82
CA PRO A 211 11.34 11.81 10.52
C PRO A 211 12.08 12.81 9.65
N GLU A 212 12.80 12.36 8.62
CA GLU A 212 13.49 13.32 7.76
C GLU A 212 12.51 14.14 6.93
N TRP A 213 11.34 13.58 6.61
CA TRP A 213 10.29 14.40 5.99
C TRP A 213 9.72 15.40 6.99
N ILE A 214 9.46 14.96 8.21
CA ILE A 214 8.89 15.85 9.24
C ILE A 214 9.84 17.00 9.52
N ARG A 215 11.14 16.70 9.68
CA ARG A 215 12.10 17.72 10.10
C ARG A 215 12.52 18.61 8.94
N TYR A 216 12.83 18.02 7.77
CA TYR A 216 13.50 18.74 6.70
C TYR A 216 12.76 18.75 5.36
N HIS A 217 11.58 18.13 5.28
CA HIS A 217 10.83 18.08 4.01
C HIS A 217 11.69 17.50 2.88
N ARG A 218 12.50 16.50 3.21
CA ARG A 218 13.33 15.79 2.25
C ARG A 218 13.43 14.33 2.66
N TYR A 219 13.49 13.44 1.67
CA TYR A 219 13.66 12.01 1.93
C TYR A 219 14.14 11.34 0.65
N HIS A 220 14.78 10.19 0.82
CA HIS A 220 15.09 9.32 -0.31
C HIS A 220 14.07 8.19 -0.35
N GLY A 221 13.82 7.67 -1.56
CA GLY A 221 12.63 6.87 -1.77
C GLY A 221 12.64 5.55 -1.00
N ARG A 222 13.75 4.83 -1.08
CA ARG A 222 13.79 3.48 -0.51
C ARG A 222 13.80 3.52 1.00
N SER A 223 14.61 4.39 1.58
CA SER A 223 14.64 4.43 3.05
C SER A 223 13.33 4.96 3.60
N ALA A 224 12.64 5.86 2.88
CA ALA A 224 11.32 6.29 3.35
C ALA A 224 10.32 5.16 3.29
N ALA A 225 10.40 4.33 2.24
CA ALA A 225 9.52 3.17 2.14
C ALA A 225 9.75 2.21 3.30
N VAL A 226 11.02 1.97 3.66
CA VAL A 226 11.33 1.04 4.75
C VAL A 226 10.76 1.57 6.06
N TRP A 227 10.85 2.89 6.29
CA TRP A 227 10.22 3.47 7.47
C TRP A 227 8.73 3.15 7.52
N SER A 228 8.02 3.37 6.40
CA SER A 228 6.57 3.10 6.41
C SER A 228 6.28 1.63 6.63
N LEU A 229 7.20 0.75 6.21
CA LEU A 229 7.05 -0.68 6.45
C LEU A 229 7.25 -1.03 7.91
N GLY A 230 8.14 -0.30 8.60
CA GLY A 230 8.25 -0.45 10.05
C GLY A 230 6.97 -0.05 10.77
N ILE A 231 6.35 1.06 10.35
CA ILE A 231 5.07 1.48 10.95
C ILE A 231 4.03 0.40 10.72
N LEU A 232 3.97 -0.12 9.48
CA LEU A 232 3.01 -1.15 9.10
C LEU A 232 3.18 -2.41 9.94
N LEU A 233 4.42 -2.84 10.17
CA LEU A 233 4.64 -4.08 10.91
C LEU A 233 4.24 -3.91 12.38
N TYR A 234 4.64 -2.80 13.01
CA TYR A 234 4.16 -2.50 14.36
C TYR A 234 2.64 -2.54 14.41
N ASP A 235 1.99 -1.88 13.45
CA ASP A 235 0.53 -1.87 13.33
C ASP A 235 -0.05 -3.28 13.36
N MET A 236 0.55 -4.20 12.60
CA MET A 236 0.06 -5.56 12.53
C MET A 236 0.20 -6.30 13.85
N VAL A 237 1.38 -6.22 14.48
CA VAL A 237 1.61 -7.03 15.69
C VAL A 237 1.13 -6.33 16.96
N CYS A 238 0.83 -5.03 16.90
CA CYS A 238 0.33 -4.34 18.09
C CYS A 238 -1.13 -3.93 17.98
N GLY A 239 -1.73 -3.96 16.78
CA GLY A 239 -3.11 -3.59 16.61
C GLY A 239 -3.37 -2.14 16.28
N ASP A 240 -2.34 -1.28 16.32
CA ASP A 240 -2.47 0.10 15.85
C ASP A 240 -1.06 0.65 15.65
N ILE A 241 -0.97 1.75 14.90
CA ILE A 241 0.31 2.37 14.57
C ILE A 241 0.97 2.94 15.83
N PRO A 242 2.31 3.07 15.86
CA PRO A 242 2.98 3.54 17.08
C PRO A 242 2.88 5.03 17.31
N PHE A 243 2.88 5.84 16.25
CA PHE A 243 2.97 7.28 16.39
C PHE A 243 1.73 7.96 15.81
N GLU A 244 1.22 8.96 16.53
CA GLU A 244 0.14 9.80 16.02
C GLU A 244 0.57 11.25 15.79
N HIS A 245 1.66 11.69 16.42
CA HIS A 245 2.04 13.10 16.45
C HIS A 245 3.47 13.28 15.96
N ASP A 246 3.74 14.45 15.38
CA ASP A 246 5.07 14.75 14.86
C ASP A 246 6.16 14.50 15.89
N GLU A 247 5.92 14.91 17.14
CA GLU A 247 6.94 14.74 18.17
C GLU A 247 7.29 13.27 18.39
N GLU A 248 6.29 12.39 18.32
CA GLU A 248 6.55 10.95 18.43
C GLU A 248 7.35 10.43 17.24
N ILE A 249 7.04 10.92 16.03
CA ILE A 249 7.74 10.43 14.84
C ILE A 249 9.23 10.74 14.92
N ILE A 250 9.58 11.97 15.31
CA ILE A 250 10.99 12.33 15.32
C ILE A 250 11.70 11.93 16.61
N GLY A 251 10.95 11.53 17.64
CA GLY A 251 11.57 11.19 18.91
C GLY A 251 12.32 9.86 18.89
N GLY A 252 11.90 8.95 18.03
CA GLY A 252 12.63 7.71 17.87
C GLY A 252 12.62 6.80 19.09
N GLN A 253 11.49 6.72 19.78
CA GLN A 253 11.30 5.76 20.87
C GLN A 253 10.10 4.89 20.51
N VAL A 254 10.29 3.58 20.52
CA VAL A 254 9.23 2.65 20.14
C VAL A 254 8.82 1.90 21.41
N PHE A 255 7.63 2.22 21.92
CA PHE A 255 7.05 1.51 23.05
C PHE A 255 6.15 0.41 22.51
N PHE A 256 6.31 -0.82 23.00
CA PHE A 256 5.46 -1.92 22.56
C PHE A 256 4.32 -2.12 23.54
N ARG A 257 3.11 -1.92 23.06
CA ARG A 257 1.90 -2.00 23.87
C ARG A 257 1.34 -3.41 23.95
N GLN A 258 1.91 -4.34 23.20
CA GLN A 258 1.51 -5.74 23.20
C GLN A 258 2.76 -6.60 23.35
N ARG A 259 2.52 -7.84 23.76
CA ARG A 259 3.60 -8.82 23.82
C ARG A 259 4.06 -9.10 22.40
N VAL A 260 5.33 -8.77 22.10
CA VAL A 260 5.93 -8.99 20.79
C VAL A 260 7.30 -9.64 21.00
N SER A 261 7.61 -10.65 20.19
CA SER A 261 8.87 -11.38 20.35
C SER A 261 10.06 -10.42 20.20
N GLU A 263 12.72 -10.86 18.55
CA GLU A 263 13.19 -10.84 17.16
C GLU A 263 12.34 -9.86 16.32
N CYS A 264 11.03 -9.89 16.53
CA CYS A 264 10.16 -8.96 15.81
C CYS A 264 10.40 -7.51 16.26
N GLN A 265 10.54 -7.27 17.57
CA GLN A 265 10.86 -5.92 18.05
C GLN A 265 12.11 -5.37 17.39
N HIS A 266 13.14 -6.22 17.24
CA HIS A 266 14.40 -5.78 16.67
C HIS A 266 14.22 -5.37 15.21
N LEU A 267 13.49 -6.16 14.43
CA LEU A 267 13.24 -5.79 13.03
C LEU A 267 12.49 -4.47 12.93
N ILE A 268 11.42 -4.32 13.72
CA ILE A 268 10.66 -3.07 13.74
C ILE A 268 11.58 -1.90 14.07
N ARG A 269 12.34 -2.02 15.17
CA ARG A 269 13.19 -0.90 15.58
C ARG A 269 14.26 -0.58 14.54
N TRP A 270 14.70 -1.59 13.80
CA TRP A 270 15.65 -1.35 12.71
C TRP A 270 15.01 -0.58 11.57
N CYS A 271 13.81 -0.99 11.16
CA CYS A 271 13.08 -0.26 10.12
C CYS A 271 12.81 1.18 10.52
N LEU A 272 12.61 1.43 11.82
CA LEU A 272 12.34 2.76 12.34
C LEU A 272 13.59 3.47 12.85
N ALA A 273 14.77 3.12 12.37
CA ALA A 273 15.96 3.88 12.73
C ALA A 273 15.80 5.34 12.30
N LEU A 274 16.15 6.27 13.21
CA LEU A 274 16.00 7.69 12.92
C LEU A 274 16.84 8.13 11.72
N ARG A 275 18.08 7.66 11.62
CA ARG A 275 18.91 8.03 10.48
C ARG A 275 18.58 7.12 9.30
N PRO A 276 18.26 7.67 8.13
CA PRO A 276 17.85 6.82 6.99
C PRO A 276 18.87 5.76 6.62
N SER A 277 20.16 6.11 6.62
CA SER A 277 21.19 5.14 6.25
C SER A 277 21.36 4.02 7.27
N ASP A 278 20.79 4.15 8.49
CA ASP A 278 20.79 3.04 9.43
C ASP A 278 19.67 2.03 9.20
N ARG A 279 18.74 2.32 8.28
CA ARG A 279 17.62 1.41 8.07
C ARG A 279 18.06 0.24 7.19
N PRO A 280 17.39 -0.91 7.29
CA PRO A 280 17.76 -2.04 6.45
C PRO A 280 17.31 -1.85 5.00
N THR A 281 18.02 -2.51 4.09
CA THR A 281 17.52 -2.69 2.74
C THR A 281 16.45 -3.77 2.73
N PHE A 282 15.73 -3.87 1.61
CA PHE A 282 14.74 -4.95 1.48
C PHE A 282 15.37 -6.32 1.68
N GLU A 283 16.58 -6.54 1.13
CA GLU A 283 17.27 -7.82 1.27
C GLU A 283 17.51 -8.13 2.74
N GLU A 284 17.97 -7.13 3.50
CA GLU A 284 18.23 -7.33 4.92
C GLU A 284 16.96 -7.60 5.71
N ILE A 285 15.84 -6.95 5.34
CA ILE A 285 14.56 -7.29 5.99
C ILE A 285 14.20 -8.75 5.74
N GLN A 286 14.24 -9.18 4.47
CA GLN A 286 13.80 -10.54 4.18
C GLN A 286 14.79 -11.60 4.65
N ASN A 287 16.07 -11.24 4.88
CA ASN A 287 17.01 -12.17 5.49
C ASN A 287 16.97 -12.15 7.01
N HIS A 288 16.21 -11.24 7.62
CA HIS A 288 16.13 -11.13 9.06
C HIS A 288 15.61 -12.43 9.68
N PRO A 289 16.14 -12.83 10.84
CA PRO A 289 15.68 -14.09 11.47
C PRO A 289 14.17 -14.14 11.71
N TRP A 290 13.52 -13.03 12.06
CA TRP A 290 12.08 -13.07 12.28
C TRP A 290 11.29 -13.43 11.02
N MET A 291 11.88 -13.23 9.85
CA MET A 291 11.20 -13.41 8.56
C MET A 291 11.31 -14.82 8.00
N GLN A 292 11.98 -15.74 8.67
CA GLN A 292 12.21 -17.06 8.10
C GLN A 292 11.00 -17.97 8.27
N ASP A 293 10.91 -18.96 7.37
CA ASP A 293 9.83 -19.98 7.41
C ASP A 293 8.45 -19.36 7.21
N VAL A 294 8.32 -18.47 6.23
CA VAL A 294 7.03 -17.85 5.96
C VAL A 294 6.02 -18.90 5.48
N LEU A 295 4.76 -18.71 5.85
CA LEU A 295 3.69 -19.54 5.31
C LEU A 295 3.44 -19.19 3.85
N LEU A 296 3.03 -20.19 3.07
CA LEU A 296 2.53 -19.94 1.73
C LEU A 296 1.18 -19.21 1.82
N PRO A 297 0.78 -18.51 0.75
CA PRO A 297 -0.52 -17.82 0.79
C PRO A 297 -1.70 -18.76 1.02
N GLN A 298 -1.73 -19.91 0.35
CA GLN A 298 -2.82 -20.86 0.54
C GLN A 298 -2.89 -21.32 1.99
N GLU A 299 -1.74 -21.69 2.58
CA GLU A 299 -1.71 -22.07 3.99
C GLU A 299 -2.23 -20.94 4.88
N THR A 300 -1.85 -19.69 4.56
CA THR A 300 -2.28 -18.55 5.37
C THR A 300 -3.80 -18.45 5.38
N ALA A 301 -4.43 -18.61 4.22
CA ALA A 301 -5.88 -18.60 4.15
C ALA A 301 -6.48 -19.73 4.96
N GLU A 302 -5.95 -20.96 4.79
CA GLU A 302 -6.53 -22.12 5.45
C GLU A 302 -6.43 -22.02 6.98
N ILE A 303 -5.27 -21.57 7.48
CA ILE A 303 -5.04 -21.55 8.92
C ILE A 303 -5.69 -20.35 9.56
N HIS A 304 -5.65 -19.19 8.90
CA HIS A 304 -5.94 -17.93 9.55
C HIS A 304 -7.16 -17.19 9.02
N LEU A 305 -7.61 -17.48 7.79
CA LEU A 305 -8.68 -16.71 7.18
C LEU A 305 -9.96 -17.49 6.91
N HIS A 306 -9.91 -18.82 6.84
CA HIS A 306 -11.11 -19.61 6.57
C HIS A 306 -11.84 -19.96 7.87
N ARG B 2 -7.95 2.56 23.41
CA ARG B 2 -7.81 3.90 22.85
C ARG B 2 -8.25 3.93 21.38
N LYS B 3 -8.29 5.12 20.78
CA LYS B 3 -9.01 5.31 19.51
C LYS B 3 -8.10 4.99 18.32
N ARG B 4 -8.44 3.96 17.57
CA ARG B 4 -7.81 3.64 16.29
C ARG B 4 -8.62 4.29 15.18
N ARG B 5 -7.94 4.97 14.27
CA ARG B 5 -8.66 5.66 13.21
C ARG B 5 -7.88 5.59 11.91
N ARG B 6 -8.61 5.80 10.81
CA ARG B 6 -7.99 5.99 9.52
C ARG B 6 -7.34 7.37 9.47
N HIS B 7 -6.39 7.52 8.53
CA HIS B 7 -5.70 8.79 8.33
C HIS B 7 -5.75 9.11 6.85
N PRO B 8 -6.31 10.25 6.44
CA PRO B 8 -6.34 10.58 5.02
C PRO B 8 -4.98 11.03 4.51
N SER B 9 -4.79 10.88 3.21
CA SER B 9 -3.59 11.34 2.54
C SER B 9 -3.70 12.84 2.23
#